data_9DQ3
#
_entry.id   9DQ3
#
_cell.length_a   84.023
_cell.length_b   148.359
_cell.length_c   48.439
_cell.angle_alpha   90.00
_cell.angle_beta   90.00
_cell.angle_gamma   90.00
#
_symmetry.space_group_name_H-M   'P 21 21 2'
#
loop_
_entity.id
_entity.type
_entity.pdbx_description
1 polymer 'Cytotoxic T-lymphocyte protein 4'
2 polymer 'mipi.4 heavy chain'
3 polymer 'mipi.4 light chain'
4 water water
#
loop_
_entity_poly.entity_id
_entity_poly.type
_entity_poly.pdbx_seq_one_letter_code
_entity_poly.pdbx_strand_id
1 'polypeptide(L)'
;KAMHVAQPAVVLASSRGIASFVCEYASPGKATEVRVTVLRQADSQVTEVCAATYMMGNELTFLDDSICTGTSSGNQVNLT
IQGLRAMDTGLYICKVELMYPPPYYLGIGNGTQIYVIDGHHHHHH
;
C
2 'polypeptide(L)'
;QVQLVESGGGVVQPGRSLRLSCAASGFTFSKYVMHWVRQAPGKGLEWVTGISYDGRHKYYADSVKGRFTISRDNSKNTLY
LQMNSLRAEDTAIYYCARTGWLGPFDYWGQGTLVTVSSASTKGPSVFPLAPSSKSTSGGTAALGCLVKDYFPEPVTVSWN
SGALTSGVHTFPAVLQSSGLYSLSSVVTVPSSSLGTQTYICNVNHKPSNTKVDKRVEPKSCGGHHHHHH
;
H
3 'polypeptide(L)'
;EIVLTQSPGTLSLSPGERATLSCRQSQSVGWSPLAWYQQKPGQAPRLLIYGAFSRATGIPDRFSGSGSGTDFTLTISRLE
PEDFAVYYCQQYGQSPWTFGQGTKVEIKRTVAAPSVFIFPPSDEQLKSGTASVVCLLNNFYPREAKVQWKVDNALQSGNS
QESVTEQDSKDSTYSLSSTLTLSKADYEKHKVYACEVTHQGLSSPVTKSFNRGEC
;
L
#
# COMPACT_ATOMS: atom_id res chain seq x y z
N MET A 3 5.81 19.14 -18.51
CA MET A 3 6.06 19.93 -19.71
C MET A 3 4.92 19.78 -20.70
N HIS A 4 4.38 20.92 -21.12
CA HIS A 4 3.28 20.95 -22.07
C HIS A 4 3.81 20.77 -23.48
N VAL A 5 3.11 19.96 -24.28
CA VAL A 5 3.43 19.73 -25.69
C VAL A 5 2.25 20.19 -26.52
N ALA A 6 2.51 21.11 -27.44
CA ALA A 6 1.48 21.67 -28.31
C ALA A 6 1.62 21.09 -29.71
N GLN A 7 0.50 20.70 -30.30
CA GLN A 7 0.49 20.28 -31.69
C GLN A 7 -0.84 20.71 -32.31
N PRO A 8 -0.89 20.89 -33.63
CA PRO A 8 -2.16 21.28 -34.29
C PRO A 8 -3.25 20.26 -34.02
N ALA A 9 -4.47 20.77 -33.79
CA ALA A 9 -5.62 19.91 -33.57
C ALA A 9 -6.09 19.23 -34.85
N VAL A 10 -5.85 19.82 -36.01
CA VAL A 10 -6.33 19.33 -37.28
C VAL A 10 -5.33 19.67 -38.37
N VAL A 11 -5.08 18.71 -39.26
CA VAL A 11 -4.20 18.90 -40.40
C VAL A 11 -4.81 18.13 -41.57
N LEU A 12 -4.64 18.66 -42.78
CA LEU A 12 -5.11 18.00 -43.98
C LEU A 12 -3.91 17.53 -44.79
N ALA A 13 -4.01 16.32 -45.33
CA ALA A 13 -2.94 15.77 -46.15
C ALA A 13 -3.10 16.17 -47.62
N GLY A 17 -0.97 12.23 -49.64
CA GLY A 17 -0.53 11.13 -48.79
C GLY A 17 0.47 11.56 -47.73
N ILE A 18 0.93 12.81 -47.82
CA ILE A 18 1.86 13.39 -46.86
C ILE A 18 1.11 14.37 -45.98
N ALA A 19 1.46 14.39 -44.70
CA ALA A 19 0.95 15.36 -43.75
C ALA A 19 2.10 15.76 -42.84
N SER A 20 2.25 17.05 -42.59
CA SER A 20 3.31 17.58 -41.75
C SER A 20 2.71 18.44 -40.64
N PHE A 21 3.26 18.33 -39.43
CA PHE A 21 2.78 19.17 -38.35
C PHE A 21 3.92 19.45 -37.37
N VAL A 22 3.84 20.61 -36.74
CA VAL A 22 4.85 21.06 -35.80
C VAL A 22 4.45 20.65 -34.39
N CYS A 23 5.43 20.19 -33.63
CA CYS A 23 5.21 19.72 -32.26
C CYS A 23 6.17 20.50 -31.38
N GLU A 24 5.62 21.28 -30.44
CA GLU A 24 6.39 22.23 -29.66
C GLU A 24 6.29 21.92 -28.17
N TYR A 25 7.42 22.03 -27.47
CA TYR A 25 7.48 21.72 -26.05
C TYR A 25 8.28 22.79 -25.32
N ALA A 26 8.09 22.87 -24.01
CA ALA A 26 8.76 23.84 -23.15
C ALA A 26 9.80 23.11 -22.30
N SER A 27 10.99 22.92 -22.85
CA SER A 27 12.03 22.19 -22.12
C SER A 27 12.62 23.07 -21.03
N PRO A 28 12.70 22.58 -19.78
CA PRO A 28 13.49 23.29 -18.75
C PRO A 28 15.00 23.22 -19.00
N THR A 32 19.58 17.48 -22.58
CA THR A 32 20.11 17.55 -23.94
C THR A 32 19.64 16.40 -24.84
N GLU A 33 19.27 15.26 -24.25
CA GLU A 33 18.79 14.11 -25.01
C GLU A 33 17.26 14.09 -25.00
N VAL A 34 16.67 14.15 -26.19
CA VAL A 34 15.22 14.19 -26.37
C VAL A 34 14.79 12.96 -27.17
N ARG A 35 13.67 12.38 -26.80
CA ARG A 35 13.13 11.21 -27.49
C ARG A 35 11.74 11.56 -27.99
N VAL A 36 11.51 11.42 -29.29
CA VAL A 36 10.25 11.80 -29.90
C VAL A 36 9.54 10.55 -30.41
N THR A 37 8.28 10.41 -30.05
CA THR A 37 7.44 9.30 -30.49
C THR A 37 6.15 9.85 -31.06
N VAL A 38 5.71 9.28 -32.19
CA VAL A 38 4.37 9.56 -32.71
C VAL A 38 3.53 8.31 -32.48
N LEU A 39 2.43 8.48 -31.76
CA LEU A 39 1.50 7.40 -31.48
C LEU A 39 0.20 7.65 -32.23
N ARG A 40 -0.34 6.59 -32.82
CA ARG A 40 -1.66 6.65 -33.45
C ARG A 40 -2.66 5.99 -32.52
N GLN A 41 -3.68 6.74 -32.12
CA GLN A 41 -4.71 6.25 -31.20
C GLN A 41 -5.93 5.85 -32.02
N ALA A 42 -6.21 4.54 -32.06
CA ALA A 42 -7.32 3.97 -32.80
C ALA A 42 -8.20 3.20 -31.82
N ASP A 43 -9.50 3.50 -31.84
CA ASP A 43 -10.41 3.05 -30.80
C ASP A 43 -9.91 3.47 -29.43
N SER A 44 -9.60 2.50 -28.58
CA SER A 44 -8.96 2.74 -27.29
C SER A 44 -7.60 2.04 -27.24
N GLN A 45 -6.91 2.03 -28.38
CA GLN A 45 -5.62 1.39 -28.54
C GLN A 45 -4.61 2.38 -29.12
N VAL A 46 -3.33 2.09 -28.90
CA VAL A 46 -2.26 2.98 -29.32
C VAL A 46 -1.20 2.17 -30.07
N THR A 47 -0.80 2.67 -31.23
CA THR A 47 0.26 2.07 -32.04
C THR A 47 1.38 3.08 -32.19
N GLU A 48 2.61 2.59 -32.31
CA GLU A 48 3.78 3.44 -32.56
C GLU A 48 3.95 3.64 -34.06
N VAL A 49 3.91 4.90 -34.50
CA VAL A 49 4.16 5.21 -35.90
C VAL A 49 5.65 5.49 -36.13
N CYS A 50 6.26 6.26 -35.24
CA CYS A 50 7.58 6.83 -35.46
C CYS A 50 8.26 7.03 -34.11
N ALA A 51 9.59 6.83 -34.08
CA ALA A 51 10.35 7.12 -32.88
C ALA A 51 11.79 7.45 -33.26
N ALA A 52 12.38 8.41 -32.54
CA ALA A 52 13.77 8.77 -32.75
C ALA A 52 14.26 9.55 -31.53
N THR A 53 15.56 9.46 -31.30
CA THR A 53 16.23 10.24 -30.26
C THR A 53 17.15 11.25 -30.94
N TYR A 54 17.05 12.51 -30.54
CA TYR A 54 17.99 13.52 -31.00
C TYR A 54 18.61 14.21 -29.80
N MET A 55 19.83 14.70 -29.99
CA MET A 55 20.67 15.18 -28.89
C MET A 55 21.15 16.58 -29.26
N MET A 56 20.26 17.57 -29.10
CA MET A 56 20.51 18.95 -29.51
C MET A 56 21.98 19.37 -29.38
N ILE A 67 8.74 6.62 -43.51
CA ILE A 67 7.41 7.04 -43.04
C ILE A 67 7.44 8.45 -42.47
N CYS A 68 8.45 8.71 -41.63
CA CYS A 68 8.50 9.91 -40.83
C CYS A 68 9.73 10.73 -41.18
N THR A 69 9.61 12.04 -41.00
CA THR A 69 10.72 12.95 -41.20
C THR A 69 10.67 13.99 -40.09
N GLY A 70 11.74 14.07 -39.31
CA GLY A 70 11.77 14.98 -38.18
C GLY A 70 12.96 15.91 -38.17
N THR A 71 12.70 17.21 -38.08
CA THR A 71 13.73 18.23 -37.97
C THR A 71 13.50 19.04 -36.70
N SER A 72 14.57 19.27 -35.95
CA SER A 72 14.51 19.99 -34.68
C SER A 72 15.00 21.42 -34.87
N SER A 73 14.10 22.39 -34.66
CA SER A 73 14.44 23.81 -34.68
C SER A 73 14.13 24.36 -33.30
N GLY A 74 15.16 24.39 -32.44
CA GLY A 74 14.95 24.86 -31.08
C GLY A 74 14.12 23.88 -30.29
N ASN A 75 13.15 24.41 -29.55
CA ASN A 75 12.22 23.60 -28.76
C ASN A 75 10.98 23.24 -29.57
N GLN A 76 11.18 22.79 -30.80
CA GLN A 76 10.09 22.31 -31.63
C GLN A 76 10.62 21.29 -32.61
N VAL A 77 9.78 20.35 -33.02
CA VAL A 77 10.12 19.35 -34.02
C VAL A 77 9.08 19.43 -35.13
N ASN A 78 9.56 19.48 -36.38
CA ASN A 78 8.70 19.48 -37.54
C ASN A 78 8.57 18.03 -38.00
N LEU A 79 7.38 17.46 -37.84
CA LEU A 79 7.14 16.04 -38.11
C LEU A 79 6.32 15.88 -39.38
N THR A 80 6.90 15.23 -40.39
CA THR A 80 6.23 14.94 -41.64
C THR A 80 5.96 13.44 -41.72
N ILE A 81 4.69 13.07 -41.88
CA ILE A 81 4.31 11.69 -42.10
C ILE A 81 3.93 11.53 -43.57
N GLN A 82 4.09 10.31 -44.09
CA GLN A 82 3.82 10.01 -45.48
C GLN A 82 3.15 8.64 -45.56
N GLY A 83 2.78 8.25 -46.78
CA GLY A 83 2.13 6.97 -47.00
C GLY A 83 0.74 6.87 -46.45
N LEU A 84 0.02 7.99 -46.35
CA LEU A 84 -1.31 8.00 -45.72
C LEU A 84 -2.41 7.70 -46.72
N GLY A 90 -7.37 10.00 -38.49
CA GLY A 90 -6.98 9.42 -37.21
C GLY A 90 -6.32 10.42 -36.29
N LEU A 91 -6.10 10.04 -35.03
CA LEU A 91 -5.49 10.93 -34.05
C LEU A 91 -4.04 10.52 -33.83
N TYR A 92 -3.13 11.43 -34.14
CA TYR A 92 -1.70 11.18 -34.09
C TYR A 92 -1.14 11.98 -32.93
N ILE A 93 -0.69 11.28 -31.90
CA ILE A 93 -0.26 11.89 -30.66
C ILE A 93 1.25 12.10 -30.71
N CYS A 94 1.67 13.34 -30.43
CA CYS A 94 3.08 13.69 -30.35
C CYS A 94 3.55 13.54 -28.91
N LYS A 95 4.57 12.70 -28.71
CA LYS A 95 5.12 12.42 -27.38
C LYS A 95 6.58 12.83 -27.36
N VAL A 96 6.95 13.66 -26.38
CA VAL A 96 8.30 14.18 -26.23
C VAL A 96 8.80 13.86 -24.84
N GLU A 97 10.03 13.36 -24.75
CA GLU A 97 10.61 12.98 -23.48
C GLU A 97 12.00 13.60 -23.34
N LEU A 98 12.22 14.29 -22.23
CA LEU A 98 13.56 14.73 -21.85
C LEU A 98 14.20 13.62 -21.03
N MET A 99 15.19 12.94 -21.61
CA MET A 99 15.74 11.72 -21.04
C MET A 99 16.91 11.97 -20.10
N TYR A 100 17.75 12.96 -20.41
CA TYR A 100 18.98 13.19 -19.66
C TYR A 100 19.54 14.55 -20.05
N PRO A 101 20.09 15.31 -19.09
CA PRO A 101 20.25 15.00 -17.67
C PRO A 101 18.90 14.99 -16.95
N PRO A 102 18.80 14.29 -15.82
CA PRO A 102 17.55 14.26 -15.06
C PRO A 102 17.16 15.66 -14.59
N PRO A 103 15.89 15.87 -14.21
CA PRO A 103 14.78 14.91 -14.18
C PRO A 103 14.33 14.47 -15.56
N TYR A 104 13.83 13.25 -15.64
CA TYR A 104 13.01 12.85 -16.78
C TYR A 104 11.75 13.70 -16.82
N TYR A 105 11.40 14.19 -18.02
CA TYR A 105 10.12 14.85 -18.27
C TYR A 105 9.40 14.16 -19.41
N LEU A 106 8.09 14.02 -19.26
CA LEU A 106 7.22 13.47 -20.29
C LEU A 106 6.21 14.53 -20.69
N GLY A 107 6.04 14.72 -21.98
CA GLY A 107 4.98 15.56 -22.49
C GLY A 107 4.23 14.83 -23.59
N ILE A 108 2.90 14.92 -23.55
CA ILE A 108 2.04 14.22 -24.48
C ILE A 108 1.06 15.24 -25.04
N GLY A 109 1.09 15.43 -26.36
CA GLY A 109 0.22 16.40 -26.99
C GLY A 109 -1.22 15.93 -27.04
N ASN A 110 -2.13 16.91 -27.15
CA ASN A 110 -3.55 16.61 -27.28
C ASN A 110 -3.87 15.81 -28.54
N GLY A 111 -2.93 15.70 -29.45
CA GLY A 111 -3.17 14.88 -30.62
C GLY A 111 -3.52 15.73 -31.83
N THR A 112 -3.15 15.23 -33.00
CA THR A 112 -3.41 15.91 -34.26
C THR A 112 -4.31 15.03 -35.10
N GLN A 113 -5.44 15.60 -35.53
CA GLN A 113 -6.31 14.94 -36.49
C GLN A 113 -5.80 15.24 -37.89
N ILE A 114 -5.52 14.19 -38.66
CA ILE A 114 -5.09 14.33 -40.05
C ILE A 114 -6.21 13.81 -40.93
N TYR A 115 -6.55 14.57 -41.95
CA TYR A 115 -7.61 14.23 -42.91
C TYR A 115 -6.97 13.93 -44.25
N VAL A 116 -7.01 12.67 -44.67
CA VAL A 116 -6.57 12.26 -46.00
C VAL A 116 -7.80 12.06 -46.86
N ILE A 117 -7.90 12.83 -47.94
CA ILE A 117 -9.02 12.69 -48.86
C ILE A 117 -8.56 12.98 -50.28
N GLN B 1 -1.56 -10.84 -23.12
CA GLN B 1 -1.60 -10.94 -21.66
C GLN B 1 -0.25 -10.60 -21.01
N VAL B 2 -0.15 -9.37 -20.51
CA VAL B 2 1.08 -8.90 -19.87
C VAL B 2 1.27 -9.62 -18.55
N GLN B 3 2.51 -10.05 -18.27
CA GLN B 3 2.87 -10.63 -16.99
C GLN B 3 4.18 -10.07 -16.49
N LEU B 4 4.23 -9.79 -15.19
CA LEU B 4 5.43 -9.32 -14.49
C LEU B 4 5.53 -10.13 -13.20
N VAL B 5 6.62 -10.86 -13.01
CA VAL B 5 6.74 -11.72 -11.83
C VAL B 5 8.05 -11.38 -11.10
N GLU B 6 7.92 -10.81 -9.91
CA GLU B 6 9.10 -10.48 -9.11
C GLU B 6 9.55 -11.69 -8.33
N SER B 7 10.86 -11.77 -8.10
CA SER B 7 11.42 -12.79 -7.23
C SER B 7 12.67 -12.24 -6.55
N GLY B 8 13.09 -12.94 -5.50
CA GLY B 8 14.32 -12.62 -4.81
C GLY B 8 14.14 -12.08 -3.41
N GLY B 9 12.92 -11.77 -3.00
CA GLY B 9 12.70 -11.27 -1.66
C GLY B 9 12.97 -12.29 -0.59
N GLY B 10 13.15 -11.78 0.62
CA GLY B 10 13.37 -12.64 1.76
C GLY B 10 13.93 -11.81 2.90
N VAL B 11 14.42 -12.51 3.91
CA VAL B 11 15.02 -11.86 5.08
C VAL B 11 16.49 -11.58 4.79
N VAL B 12 16.91 -10.34 5.05
CA VAL B 12 18.27 -9.88 4.84
C VAL B 12 18.73 -9.11 6.07
N GLN B 13 19.98 -9.31 6.46
CA GLN B 13 20.56 -8.62 7.61
C GLN B 13 20.95 -7.19 7.24
N PRO B 14 20.81 -6.26 8.18
CA PRO B 14 21.12 -4.85 7.90
C PRO B 14 22.55 -4.70 7.39
N GLY B 15 22.75 -3.71 6.54
CA GLY B 15 24.04 -3.48 5.92
C GLY B 15 24.37 -4.36 4.74
N ARG B 16 23.67 -5.49 4.58
CA ARG B 16 24.00 -6.47 3.55
C ARG B 16 23.29 -6.10 2.24
N SER B 17 23.25 -7.04 1.30
CA SER B 17 22.78 -6.77 -0.05
C SER B 17 21.88 -7.90 -0.53
N LEU B 18 21.04 -7.58 -1.52
CA LEU B 18 20.03 -8.48 -2.05
C LEU B 18 19.71 -8.03 -3.47
N ARG B 19 19.54 -8.98 -4.39
CA ARG B 19 19.15 -8.66 -5.75
C ARG B 19 17.75 -9.19 -6.03
N LEU B 20 16.85 -8.31 -6.50
CA LEU B 20 15.54 -8.74 -6.96
C LEU B 20 15.53 -8.82 -8.48
N SER B 21 14.65 -9.67 -9.00
CA SER B 21 14.45 -9.81 -10.44
C SER B 21 12.98 -9.66 -10.77
N CYS B 22 12.69 -9.08 -11.93
CA CYS B 22 11.33 -9.03 -12.46
C CYS B 22 11.35 -9.61 -13.87
N ALA B 23 10.76 -10.78 -14.03
CA ALA B 23 10.68 -11.45 -15.32
C ALA B 23 9.40 -11.01 -16.04
N ALA B 24 9.56 -10.39 -17.21
CA ALA B 24 8.45 -9.84 -17.97
C ALA B 24 8.10 -10.74 -19.14
N SER B 25 6.82 -10.69 -19.52
CA SER B 25 6.39 -11.42 -20.71
C SER B 25 5.05 -10.86 -21.20
N GLY B 26 4.71 -11.19 -22.44
CA GLY B 26 3.47 -10.72 -23.04
C GLY B 26 3.53 -9.36 -23.70
N PHE B 27 4.71 -8.75 -23.81
CA PHE B 27 4.86 -7.45 -24.46
C PHE B 27 6.32 -7.29 -24.85
N THR B 28 6.59 -6.30 -25.70
CA THR B 28 7.96 -6.07 -26.16
C THR B 28 8.67 -5.25 -25.09
N PHE B 29 9.40 -5.95 -24.22
CA PHE B 29 9.95 -5.40 -22.98
C PHE B 29 10.77 -4.15 -23.24
N SER B 30 11.57 -4.18 -24.32
CA SER B 30 12.46 -3.13 -24.72
C SER B 30 11.78 -1.79 -25.00
N LYS B 31 10.46 -1.79 -25.26
CA LYS B 31 9.80 -0.57 -25.66
C LYS B 31 9.11 0.17 -24.51
N TYR B 32 9.45 -0.16 -23.25
CA TYR B 32 8.77 0.47 -22.12
C TYR B 32 9.77 0.85 -21.03
N VAL B 33 9.52 2.01 -20.41
CA VAL B 33 10.16 2.36 -19.16
C VAL B 33 9.66 1.42 -18.07
N MET B 34 10.58 0.90 -17.26
CA MET B 34 10.24 -0.02 -16.17
C MET B 34 10.58 0.59 -14.81
N HIS B 35 9.85 0.19 -13.77
CA HIS B 35 10.06 0.77 -12.44
C HIS B 35 10.01 -0.28 -11.34
N TRP B 36 10.62 0.08 -10.21
CA TRP B 36 10.41 -0.59 -8.93
C TRP B 36 9.68 0.38 -8.02
N VAL B 37 8.59 -0.08 -7.42
CA VAL B 37 7.78 0.68 -6.48
C VAL B 37 7.65 -0.17 -5.22
N ARG B 38 7.75 0.44 -4.04
CA ARG B 38 7.69 -0.37 -2.82
C ARG B 38 6.60 0.14 -1.88
N GLN B 39 6.20 -0.73 -0.96
CA GLN B 39 5.15 -0.44 0.00
C GLN B 39 5.56 -1.08 1.33
N ALA B 40 5.95 -0.24 2.29
CA ALA B 40 6.26 -0.72 3.61
C ALA B 40 4.97 -1.14 4.32
N PRO B 41 5.06 -2.03 5.31
CA PRO B 41 3.83 -2.55 5.94
C PRO B 41 2.99 -1.44 6.54
N GLY B 42 1.71 -1.42 6.14
CA GLY B 42 0.80 -0.41 6.62
C GLY B 42 0.97 0.97 6.01
N LYS B 43 1.82 1.12 5.00
CA LYS B 43 2.11 2.42 4.42
C LYS B 43 1.67 2.46 2.96
N GLY B 44 1.95 3.57 2.29
CA GLY B 44 1.52 3.78 0.92
C GLY B 44 2.58 3.38 -0.09
N LEU B 45 2.35 3.80 -1.33
CA LEU B 45 3.22 3.47 -2.45
C LEU B 45 4.34 4.49 -2.54
N GLU B 46 5.57 4.01 -2.68
CA GLU B 46 6.74 4.87 -2.84
C GLU B 46 7.52 4.38 -4.05
N TRP B 47 7.61 5.22 -5.07
CA TRP B 47 8.47 4.92 -6.22
C TRP B 47 9.93 4.90 -5.78
N VAL B 48 10.67 3.88 -6.22
CA VAL B 48 12.04 3.64 -5.82
C VAL B 48 13.00 4.02 -6.94
N THR B 49 12.76 3.52 -8.15
CA THR B 49 13.72 3.70 -9.21
C THR B 49 13.05 3.30 -10.52
N GLY B 50 13.50 3.92 -11.60
CA GLY B 50 13.05 3.55 -12.93
C GLY B 50 14.20 3.60 -13.93
N ILE B 51 13.98 2.98 -15.08
CA ILE B 51 15.05 2.81 -16.06
C ILE B 51 14.46 2.94 -17.46
N SER B 52 15.16 3.66 -18.33
CA SER B 52 14.66 3.97 -19.65
C SER B 52 14.69 2.73 -20.54
N TYR B 53 14.06 2.88 -21.72
CA TYR B 53 13.81 1.79 -22.66
C TYR B 53 15.01 0.88 -22.86
N ASP B 54 16.16 1.48 -23.15
CA ASP B 54 17.40 0.85 -23.55
C ASP B 54 18.31 0.53 -22.38
N GLY B 55 17.94 0.91 -21.18
CA GLY B 55 18.77 0.72 -20.01
C GLY B 55 19.79 1.81 -19.77
N ARG B 56 19.92 2.78 -20.67
CA ARG B 56 20.99 3.76 -20.53
C ARG B 56 20.70 4.81 -19.47
N HIS B 57 19.43 5.08 -19.14
CA HIS B 57 19.10 6.15 -18.20
C HIS B 57 18.42 5.56 -16.97
N LYS B 58 18.95 5.88 -15.79
CA LYS B 58 18.47 5.34 -14.53
C LYS B 58 18.07 6.50 -13.64
N TYR B 59 16.91 6.38 -12.99
CA TYR B 59 16.38 7.46 -12.16
C TYR B 59 16.08 6.86 -10.80
N TYR B 60 16.38 7.62 -9.73
CA TYR B 60 16.32 7.09 -8.38
C TYR B 60 15.64 8.06 -7.44
N ALA B 61 14.86 7.51 -6.50
CA ALA B 61 14.40 8.30 -5.38
C ALA B 61 15.58 8.63 -4.48
N ASP B 62 15.57 9.84 -3.90
CA ASP B 62 16.59 10.20 -2.91
C ASP B 62 16.73 9.16 -1.81
N SER B 63 15.61 8.53 -1.40
CA SER B 63 15.64 7.58 -0.31
C SER B 63 16.56 6.38 -0.57
N VAL B 64 16.92 6.11 -1.83
CA VAL B 64 17.70 4.91 -2.16
C VAL B 64 18.91 5.23 -3.04
N LYS B 65 19.01 6.47 -3.49
CA LYS B 65 20.13 6.85 -4.35
C LYS B 65 21.46 6.55 -3.65
N GLY B 66 22.38 5.92 -4.38
CA GLY B 66 23.66 5.55 -3.82
C GLY B 66 23.67 4.25 -3.07
N ARG B 67 22.52 3.68 -2.78
CA ARG B 67 22.42 2.38 -2.14
C ARG B 67 21.83 1.31 -3.05
N PHE B 68 20.84 1.67 -3.86
CA PHE B 68 20.18 0.73 -4.77
C PHE B 68 20.60 1.06 -6.19
N THR B 69 20.65 0.02 -7.03
CA THR B 69 20.96 0.17 -8.46
C THR B 69 19.95 -0.62 -9.28
N ILE B 70 19.40 0.03 -10.32
CA ILE B 70 18.46 -0.60 -11.25
C ILE B 70 19.21 -0.97 -12.53
N SER B 71 18.83 -2.09 -13.14
CA SER B 71 19.35 -2.45 -14.45
C SER B 71 18.30 -3.28 -15.16
N ARG B 72 18.52 -3.50 -16.45
CA ARG B 72 17.62 -4.33 -17.24
C ARG B 72 18.45 -5.10 -18.27
N ASP B 73 17.94 -6.27 -18.64
CA ASP B 73 18.52 -7.10 -19.71
C ASP B 73 17.42 -7.27 -20.75
N ASN B 74 17.57 -6.59 -21.89
CA ASN B 74 16.47 -6.62 -22.85
C ASN B 74 16.46 -7.88 -23.71
N SER B 75 17.40 -8.81 -23.50
CA SER B 75 17.36 -10.13 -24.13
C SER B 75 16.68 -11.15 -23.23
N LYS B 76 16.99 -11.14 -21.95
CA LYS B 76 16.25 -11.98 -21.02
C LYS B 76 14.91 -11.37 -20.65
N ASN B 77 14.64 -10.14 -21.06
CA ASN B 77 13.41 -9.43 -20.71
C ASN B 77 13.21 -9.44 -19.21
N THR B 78 14.24 -9.00 -18.49
CA THR B 78 14.22 -9.04 -17.04
C THR B 78 14.65 -7.69 -16.51
N LEU B 79 14.01 -7.27 -15.41
CA LEU B 79 14.37 -6.07 -14.67
C LEU B 79 15.04 -6.49 -13.38
N TYR B 80 16.06 -5.75 -12.95
CA TYR B 80 16.78 -6.07 -11.72
C TYR B 80 16.81 -4.90 -10.75
N LEU B 81 16.81 -5.22 -9.46
CA LEU B 81 17.08 -4.24 -8.41
C LEU B 81 18.18 -4.80 -7.53
N GLN B 82 19.33 -4.16 -7.52
CA GLN B 82 20.45 -4.53 -6.66
C GLN B 82 20.41 -3.62 -5.44
N MET B 83 20.12 -4.19 -4.29
CA MET B 83 19.94 -3.43 -3.06
C MET B 83 21.16 -3.64 -2.17
N ASN B 84 21.84 -2.54 -1.82
CA ASN B 84 22.96 -2.59 -0.90
C ASN B 84 22.67 -1.69 0.30
N SER B 85 23.52 -1.79 1.33
CA SER B 85 23.43 -0.93 2.50
C SER B 85 22.01 -0.93 3.05
N LEU B 86 21.42 -2.12 3.14
CA LEU B 86 20.00 -2.22 3.48
C LEU B 86 19.73 -1.79 4.91
N ARG B 87 18.57 -1.17 5.11
CA ARG B 87 18.16 -0.61 6.39
C ARG B 87 16.78 -1.14 6.74
N ALA B 88 16.45 -1.06 8.03
CA ALA B 88 15.17 -1.58 8.51
C ALA B 88 14.02 -0.94 7.75
N GLU B 89 14.13 0.34 7.42
CA GLU B 89 13.06 1.03 6.72
C GLU B 89 12.94 0.63 5.25
N ASP B 90 13.86 -0.19 4.73
CA ASP B 90 13.73 -0.76 3.40
C ASP B 90 12.82 -1.99 3.38
N THR B 91 12.42 -2.46 4.56
CA THR B 91 11.45 -3.54 4.65
C THR B 91 10.16 -3.13 3.96
N ALA B 92 9.77 -3.85 2.92
CA ALA B 92 8.65 -3.47 2.08
C ALA B 92 8.36 -4.58 1.06
N ILE B 93 7.16 -4.54 0.51
CA ILE B 93 6.85 -5.29 -0.70
C ILE B 93 7.39 -4.50 -1.89
N TYR B 94 8.15 -5.16 -2.75
CA TYR B 94 8.73 -4.51 -3.92
C TYR B 94 8.00 -4.99 -5.16
N TYR B 95 7.33 -4.05 -5.84
CA TYR B 95 6.61 -4.28 -7.10
C TYR B 95 7.42 -3.81 -8.29
N CYS B 96 7.37 -4.63 -9.35
CA CYS B 96 7.79 -4.28 -10.70
C CYS B 96 6.60 -3.68 -11.45
N ALA B 97 6.82 -2.56 -12.14
CA ALA B 97 5.73 -1.91 -12.85
C ALA B 97 6.16 -1.46 -14.24
N ARG B 98 5.28 -1.65 -15.23
CA ARG B 98 5.51 -1.18 -16.59
C ARG B 98 4.91 0.21 -16.79
N THR B 99 5.61 1.06 -17.54
CA THR B 99 5.06 2.35 -17.92
C THR B 99 4.38 2.23 -19.27
N GLY B 100 3.08 2.50 -19.32
CA GLY B 100 2.40 2.61 -20.60
C GLY B 100 3.01 3.70 -21.46
N TRP B 101 2.84 3.55 -22.78
CA TRP B 101 3.40 4.55 -23.70
C TRP B 101 2.81 5.93 -23.47
N LEU B 102 1.60 6.03 -22.90
CA LEU B 102 1.05 7.32 -22.55
C LEU B 102 1.41 7.77 -21.13
N GLY B 103 2.22 7.02 -20.41
CA GLY B 103 2.75 7.55 -19.16
C GLY B 103 2.46 6.88 -17.83
N PRO B 104 1.28 6.30 -17.62
CA PRO B 104 0.97 5.75 -16.29
C PRO B 104 1.57 4.36 -16.10
N PHE B 105 1.54 3.88 -14.87
CA PHE B 105 2.05 2.55 -14.57
C PHE B 105 0.91 1.56 -14.85
N ASP B 106 0.89 0.99 -16.05
CA ASP B 106 -0.32 0.30 -16.51
C ASP B 106 -0.36 -1.18 -16.15
N TYR B 107 0.76 -1.79 -15.75
CA TYR B 107 0.79 -3.16 -15.26
C TYR B 107 1.76 -3.27 -14.10
N TRP B 108 1.34 -4.01 -13.06
CA TRP B 108 2.13 -4.22 -11.85
C TRP B 108 2.26 -5.70 -11.56
N GLY B 109 3.44 -6.10 -11.08
CA GLY B 109 3.60 -7.45 -10.59
C GLY B 109 2.90 -7.62 -9.26
N GLN B 110 2.88 -8.86 -8.78
CA GLN B 110 2.29 -9.15 -7.48
C GLN B 110 3.19 -8.75 -6.32
N GLY B 111 4.47 -8.52 -6.57
CA GLY B 111 5.40 -8.04 -5.56
C GLY B 111 6.16 -9.15 -4.86
N THR B 112 7.34 -8.80 -4.34
CA THR B 112 8.13 -9.72 -3.54
C THR B 112 8.54 -8.98 -2.26
N LEU B 113 8.46 -9.69 -1.14
CA LEU B 113 8.64 -9.06 0.17
C LEU B 113 10.10 -9.13 0.59
N VAL B 114 10.65 -7.97 0.95
CA VAL B 114 11.99 -7.87 1.51
C VAL B 114 11.84 -7.46 2.97
N THR B 115 12.38 -8.27 3.88
CA THR B 115 12.39 -7.97 5.30
C THR B 115 13.83 -7.81 5.78
N VAL B 116 14.17 -6.61 6.25
CA VAL B 116 15.52 -6.30 6.70
C VAL B 116 15.51 -6.42 8.22
N SER B 117 16.19 -7.42 8.75
CA SER B 117 16.19 -7.68 10.18
C SER B 117 17.47 -8.39 10.57
N SER B 118 17.98 -8.07 11.74
CA SER B 118 19.08 -8.84 12.33
C SER B 118 18.58 -9.98 13.23
N ALA B 119 17.27 -10.19 13.29
CA ALA B 119 16.74 -11.19 14.20
C ALA B 119 17.03 -12.60 13.69
N SER B 120 17.04 -13.55 14.63
CA SER B 120 17.21 -14.96 14.28
C SER B 120 15.94 -15.72 14.64
N THR B 121 15.83 -16.93 14.08
CA THR B 121 14.65 -17.77 14.27
C THR B 121 14.36 -18.05 15.74
N LYS B 122 13.11 -17.83 16.14
CA LYS B 122 12.68 -18.08 17.51
C LYS B 122 11.19 -18.34 17.54
N GLY B 123 10.79 -19.39 18.23
CA GLY B 123 9.39 -19.68 18.42
C GLY B 123 8.81 -18.83 19.53
N PRO B 124 7.50 -18.62 19.49
CA PRO B 124 6.84 -17.80 20.49
C PRO B 124 6.63 -18.56 21.79
N SER B 125 6.42 -17.80 22.86
CA SER B 125 5.78 -18.31 24.05
C SER B 125 4.31 -17.88 24.01
N VAL B 126 3.42 -18.76 24.43
CA VAL B 126 1.99 -18.52 24.32
C VAL B 126 1.43 -18.37 25.72
N PHE B 127 0.76 -17.25 25.99
CA PHE B 127 0.22 -17.00 27.31
C PHE B 127 -1.29 -16.81 27.26
N PRO B 128 -2.00 -17.21 28.29
CA PRO B 128 -3.45 -17.03 28.29
C PRO B 128 -3.83 -15.57 28.54
N LEU B 129 -4.95 -15.18 27.95
CA LEU B 129 -5.62 -13.91 28.25
C LEU B 129 -6.92 -14.32 28.92
N ALA B 130 -6.94 -14.30 30.25
CA ALA B 130 -8.04 -15.03 30.86
C ALA B 130 -9.18 -14.11 31.28
N PRO B 131 -10.43 -14.58 31.16
CA PRO B 131 -11.65 -13.80 31.47
C PRO B 131 -11.93 -13.68 32.97
N SER B 137 -18.24 -9.19 32.00
CA SER B 137 -18.98 -8.38 32.96
C SER B 137 -20.41 -8.13 32.51
N GLY B 138 -20.70 -8.47 31.26
CA GLY B 138 -22.07 -8.47 30.77
C GLY B 138 -22.53 -9.87 30.44
N GLY B 139 -23.25 -10.02 29.33
CA GLY B 139 -23.57 -11.34 28.84
C GLY B 139 -22.51 -11.97 27.98
N THR B 140 -21.48 -11.20 27.61
CA THR B 140 -20.40 -11.68 26.76
C THR B 140 -19.09 -11.65 27.54
N ALA B 141 -18.31 -12.71 27.39
CA ALA B 141 -16.99 -12.81 28.00
C ALA B 141 -15.95 -12.87 26.90
N ALA B 142 -14.73 -12.45 27.23
CA ALA B 142 -13.64 -12.45 26.27
C ALA B 142 -12.47 -13.21 26.84
N LEU B 143 -11.82 -14.00 25.98
CA LEU B 143 -10.59 -14.67 26.36
C LEU B 143 -9.69 -14.72 25.13
N GLY B 144 -8.47 -15.17 25.32
CA GLY B 144 -7.57 -15.24 24.19
C GLY B 144 -6.20 -15.78 24.56
N CYS B 145 -5.30 -15.66 23.59
CA CYS B 145 -3.91 -16.08 23.74
C CYS B 145 -3.01 -14.96 23.23
N LEU B 146 -1.98 -14.67 24.01
CA LEU B 146 -0.92 -13.76 23.60
C LEU B 146 0.24 -14.59 23.04
N VAL B 147 0.62 -14.33 21.80
CA VAL B 147 1.65 -15.10 21.13
C VAL B 147 2.87 -14.19 21.02
N LYS B 148 3.84 -14.37 21.93
CA LYS B 148 4.86 -13.36 22.14
C LYS B 148 6.25 -13.84 21.71
N ASP B 149 6.99 -12.92 21.07
CA ASP B 149 8.44 -13.01 20.88
C ASP B 149 8.85 -14.09 19.89
N TYR B 150 8.47 -13.92 18.63
CA TYR B 150 8.78 -14.90 17.60
C TYR B 150 9.33 -14.19 16.36
N PHE B 151 10.08 -14.97 15.58
CA PHE B 151 10.64 -14.49 14.32
C PHE B 151 10.99 -15.72 13.49
N PRO B 152 10.75 -15.69 12.17
CA PRO B 152 10.11 -14.62 11.40
C PRO B 152 8.61 -14.80 11.45
N GLU B 153 7.85 -13.92 10.78
CA GLU B 153 6.45 -14.20 10.54
C GLU B 153 6.33 -15.38 9.59
N PRO B 154 5.18 -16.05 9.58
CA PRO B 154 3.97 -15.83 10.36
C PRO B 154 3.75 -16.88 11.44
N VAL B 155 2.80 -16.60 12.33
CA VAL B 155 2.17 -17.60 13.18
C VAL B 155 0.73 -17.76 12.71
N THR B 156 0.23 -18.98 12.80
CA THR B 156 -1.19 -19.27 12.64
C THR B 156 -1.82 -19.56 14.00
N VAL B 157 -3.09 -19.21 14.15
CA VAL B 157 -3.83 -19.44 15.40
C VAL B 157 -5.22 -19.94 15.03
N SER B 158 -5.60 -21.07 15.61
CA SER B 158 -6.99 -21.52 15.57
C SER B 158 -7.46 -21.73 16.99
N TRP B 159 -8.76 -22.02 17.11
CA TRP B 159 -9.36 -22.29 18.41
C TRP B 159 -10.11 -23.60 18.35
N ASN B 160 -9.91 -24.43 19.38
CA ASN B 160 -10.52 -25.75 19.44
C ASN B 160 -10.38 -26.48 18.11
N SER B 161 -9.15 -26.43 17.55
CA SER B 161 -8.76 -27.12 16.32
C SER B 161 -9.53 -26.66 15.10
N GLY B 162 -10.15 -25.48 15.15
CA GLY B 162 -10.95 -24.99 14.05
C GLY B 162 -12.44 -25.07 14.30
N ALA B 163 -12.87 -25.72 15.37
CA ALA B 163 -14.29 -25.86 15.66
C ALA B 163 -14.89 -24.61 16.26
N LEU B 164 -14.06 -23.69 16.75
CA LEU B 164 -14.51 -22.40 17.28
C LEU B 164 -13.99 -21.32 16.34
N THR B 165 -14.88 -20.86 15.47
CA THR B 165 -14.69 -19.69 14.60
C THR B 165 -16.03 -19.00 14.61
N SER B 166 -16.09 -17.85 15.22
CA SER B 166 -17.30 -17.11 15.47
C SER B 166 -16.88 -16.25 16.63
N GLY B 167 -16.74 -14.96 16.38
CA GLY B 167 -16.25 -14.06 17.40
C GLY B 167 -14.74 -14.10 17.61
N VAL B 168 -14.01 -14.89 16.84
CA VAL B 168 -12.56 -14.91 16.92
C VAL B 168 -12.00 -13.70 16.16
N HIS B 169 -11.04 -13.02 16.78
CA HIS B 169 -10.29 -11.94 16.15
C HIS B 169 -8.81 -12.20 16.39
N THR B 170 -8.06 -12.51 15.33
CA THR B 170 -6.62 -12.69 15.42
C THR B 170 -5.98 -11.43 14.86
N PHE B 171 -5.34 -10.66 15.72
CA PHE B 171 -4.86 -9.35 15.31
C PHE B 171 -3.62 -9.48 14.43
N PRO B 172 -3.37 -8.50 13.56
CA PRO B 172 -2.08 -8.44 12.87
C PRO B 172 -0.96 -8.45 13.87
N ALA B 173 0.15 -9.06 13.50
CA ALA B 173 1.33 -9.02 14.36
C ALA B 173 1.91 -7.61 14.42
N VAL B 174 2.55 -7.31 15.55
CA VAL B 174 3.29 -6.06 15.72
C VAL B 174 4.78 -6.38 15.85
N LEU B 175 5.61 -5.55 15.25
CA LEU B 175 7.04 -5.68 15.36
C LEU B 175 7.49 -4.90 16.58
N GLN B 176 8.04 -5.61 17.55
CA GLN B 176 8.45 -4.98 18.79
C GLN B 176 9.84 -4.35 18.62
N SER B 177 10.20 -3.48 19.57
CA SER B 177 11.53 -2.89 19.54
C SER B 177 12.63 -3.94 19.67
N SER B 178 12.31 -5.12 20.21
CA SER B 178 13.29 -6.20 20.29
C SER B 178 13.64 -6.77 18.92
N GLY B 179 12.86 -6.45 17.89
CA GLY B 179 12.97 -7.10 16.61
C GLY B 179 12.18 -8.37 16.46
N LEU B 180 11.52 -8.84 17.52
CA LEU B 180 10.64 -9.98 17.46
C LEU B 180 9.18 -9.53 17.34
N TYR B 181 8.36 -10.42 16.77
CA TYR B 181 6.95 -10.14 16.59
C TYR B 181 6.13 -10.64 17.78
N SER B 182 4.96 -10.03 17.96
CA SER B 182 3.96 -10.49 18.91
C SER B 182 2.58 -10.27 18.29
N LEU B 183 1.64 -11.15 18.61
CA LEU B 183 0.25 -10.89 18.30
C LEU B 183 -0.63 -11.52 19.36
N SER B 184 -1.90 -11.10 19.37
CA SER B 184 -2.93 -11.71 20.20
C SER B 184 -4.05 -12.21 19.31
N SER B 185 -4.69 -13.29 19.78
CA SER B 185 -5.93 -13.80 19.22
C SER B 185 -6.93 -13.85 20.35
N VAL B 186 -8.13 -13.32 20.11
CA VAL B 186 -9.16 -13.27 21.12
C VAL B 186 -10.44 -13.87 20.57
N VAL B 187 -11.36 -14.19 21.47
CA VAL B 187 -12.67 -14.69 21.10
C VAL B 187 -13.65 -14.26 22.17
N THR B 188 -14.83 -13.80 21.74
CA THR B 188 -15.89 -13.50 22.69
C THR B 188 -16.93 -14.62 22.63
N VAL B 189 -17.47 -14.95 23.79
CA VAL B 189 -18.41 -16.06 23.94
C VAL B 189 -19.49 -15.64 24.93
N PRO B 190 -20.63 -16.31 24.91
CA PRO B 190 -21.60 -16.11 25.99
C PRO B 190 -20.95 -16.36 27.34
N SER B 191 -21.15 -15.44 28.28
CA SER B 191 -20.53 -15.59 29.59
C SER B 191 -20.97 -16.89 30.27
N SER B 192 -22.13 -17.43 29.90
CA SER B 192 -22.56 -18.71 30.44
C SER B 192 -21.73 -19.86 29.90
N SER B 193 -21.23 -19.75 28.66
CA SER B 193 -20.52 -20.85 28.04
C SER B 193 -19.22 -21.18 28.76
N LEU B 194 -18.73 -20.29 29.64
CA LEU B 194 -17.49 -20.54 30.36
C LEU B 194 -17.61 -21.69 31.35
N GLY B 195 -18.82 -22.17 31.65
CA GLY B 195 -19.03 -23.27 32.56
C GLY B 195 -19.26 -24.60 31.91
N THR B 196 -19.27 -24.65 30.59
CA THR B 196 -19.53 -25.87 29.86
C THR B 196 -18.54 -26.15 28.75
N GLN B 197 -17.76 -25.15 28.34
CA GLN B 197 -16.87 -25.26 27.20
C GLN B 197 -15.43 -24.98 27.62
N THR B 198 -14.51 -25.81 27.14
CA THR B 198 -13.09 -25.50 27.24
C THR B 198 -12.64 -24.79 25.97
N TYR B 199 -11.70 -23.86 26.14
CA TYR B 199 -11.19 -23.06 25.04
C TYR B 199 -9.68 -23.26 24.94
N ILE B 200 -9.24 -23.79 23.80
CA ILE B 200 -7.83 -24.05 23.54
C ILE B 200 -7.43 -23.31 22.27
N CYS B 201 -6.36 -22.50 22.36
CA CYS B 201 -5.84 -21.86 21.17
C CYS B 201 -4.69 -22.67 20.62
N ASN B 202 -4.74 -22.94 19.31
CA ASN B 202 -3.76 -23.76 18.63
C ASN B 202 -2.82 -22.84 17.87
N VAL B 203 -1.60 -22.69 18.36
CA VAL B 203 -0.61 -21.80 17.78
C VAL B 203 0.38 -22.65 16.98
N ASN B 204 0.69 -22.22 15.77
CA ASN B 204 1.75 -22.86 15.00
C ASN B 204 2.70 -21.80 14.48
N HIS B 205 4.00 -22.01 14.67
CA HIS B 205 5.05 -21.19 14.06
C HIS B 205 5.92 -22.17 13.29
N LYS B 206 5.57 -22.39 12.03
CA LYS B 206 6.33 -23.30 11.17
C LYS B 206 7.81 -23.01 11.12
N PRO B 207 8.29 -21.75 11.02
CA PRO B 207 9.74 -21.53 10.91
C PRO B 207 10.54 -22.11 12.05
N SER B 208 9.96 -22.31 13.24
CA SER B 208 10.68 -22.88 14.37
C SER B 208 10.15 -24.26 14.78
N ASN B 209 9.26 -24.86 13.99
CA ASN B 209 8.61 -26.11 14.37
C ASN B 209 8.00 -26.04 15.77
N THR B 210 7.42 -24.88 16.09
CA THR B 210 6.75 -24.67 17.37
C THR B 210 5.25 -24.92 17.18
N LYS B 211 4.70 -25.85 17.95
CA LYS B 211 3.26 -26.10 17.98
C LYS B 211 2.82 -26.10 19.43
N VAL B 212 1.94 -25.18 19.77
CA VAL B 212 1.46 -25.02 21.15
C VAL B 212 -0.06 -25.03 21.13
N ASP B 213 -0.66 -25.87 21.97
CA ASP B 213 -2.10 -25.91 22.19
C ASP B 213 -2.33 -25.45 23.63
N LYS B 214 -2.65 -24.17 23.80
CA LYS B 214 -2.78 -23.59 25.13
C LYS B 214 -4.25 -23.52 25.55
N ARG B 215 -4.58 -24.22 26.63
CA ARG B 215 -5.90 -24.10 27.22
C ARG B 215 -6.01 -22.78 27.98
N VAL B 216 -7.07 -22.02 27.72
CA VAL B 216 -7.31 -20.76 28.40
C VAL B 216 -8.40 -20.98 29.43
N GLU B 217 -8.04 -20.84 30.71
CA GLU B 217 -8.98 -21.15 31.78
C GLU B 217 -9.50 -19.86 32.40
N PRO B 218 -10.82 -19.71 32.52
CA PRO B 218 -11.36 -18.55 33.23
C PRO B 218 -10.85 -18.50 34.67
N LYS B 219 -10.46 -17.31 35.09
CA LYS B 219 -9.88 -17.12 36.41
C LYS B 219 -10.95 -16.80 37.46
N GLU C 1 10.09 18.90 -7.07
CA GLU C 1 9.48 17.63 -6.66
C GLU C 1 7.99 17.83 -6.40
N ILE C 2 7.17 17.11 -7.15
CA ILE C 2 5.73 17.33 -7.13
C ILE C 2 5.13 16.48 -6.02
N VAL C 3 4.40 17.11 -5.11
CA VAL C 3 3.79 16.45 -3.97
C VAL C 3 2.30 16.36 -4.21
N LEU C 4 1.73 15.18 -4.01
CA LEU C 4 0.29 14.97 -4.14
C LEU C 4 -0.34 14.76 -2.77
N THR C 5 -1.47 15.42 -2.53
CA THR C 5 -2.18 15.33 -1.26
C THR C 5 -3.60 14.88 -1.55
N GLN C 6 -4.02 13.78 -0.93
CA GLN C 6 -5.37 13.27 -1.15
C GLN C 6 -6.28 13.62 0.02
N SER C 7 -7.57 13.72 -0.28
CA SER C 7 -8.57 13.98 0.74
C SER C 7 -9.88 13.36 0.27
N PRO C 8 -10.69 12.86 1.19
CA PRO C 8 -10.44 12.71 2.63
C PRO C 8 -9.54 11.51 2.88
N GLY C 9 -9.08 11.28 4.11
CA GLY C 9 -8.28 10.10 4.38
C GLY C 9 -9.10 8.83 4.28
N THR C 10 -10.34 8.87 4.76
CA THR C 10 -11.29 7.78 4.66
C THR C 10 -12.64 8.30 4.20
N LEU C 11 -13.24 7.63 3.21
CA LEU C 11 -14.63 7.81 2.82
C LEU C 11 -15.41 6.60 3.31
N SER C 12 -16.54 6.84 3.99
CA SER C 12 -17.37 5.75 4.51
C SER C 12 -18.72 5.76 3.79
N LEU C 13 -18.95 4.75 2.95
CA LEU C 13 -20.10 4.73 2.07
C LEU C 13 -20.69 3.32 2.04
N SER C 14 -21.86 3.21 1.41
CA SER C 14 -22.54 1.93 1.21
C SER C 14 -22.62 1.61 -0.27
N PRO C 15 -22.77 0.35 -0.64
CA PRO C 15 -22.92 0.02 -2.07
C PRO C 15 -24.08 0.80 -2.68
N GLY C 16 -23.89 1.22 -3.92
CA GLY C 16 -24.88 2.02 -4.61
C GLY C 16 -24.71 3.51 -4.47
N GLU C 17 -23.90 3.97 -3.51
CA GLU C 17 -23.68 5.38 -3.29
C GLU C 17 -22.48 5.87 -4.09
N ARG C 18 -22.37 7.18 -4.22
CA ARG C 18 -21.34 7.82 -5.02
C ARG C 18 -20.13 8.15 -4.17
N ALA C 19 -18.94 7.84 -4.70
CA ALA C 19 -17.67 8.14 -4.03
C ALA C 19 -16.98 9.24 -4.82
N THR C 20 -16.56 10.30 -4.12
CA THR C 20 -15.79 11.39 -4.70
C THR C 20 -14.48 11.49 -3.92
N LEU C 21 -13.36 11.31 -4.62
CA LEU C 21 -12.04 11.37 -4.00
C LEU C 21 -11.25 12.52 -4.61
N SER C 22 -10.53 13.25 -3.78
CA SER C 22 -9.79 14.42 -4.23
C SER C 22 -8.29 14.17 -4.15
N CYS C 23 -7.58 14.78 -5.10
CA CYS C 23 -6.12 14.75 -5.18
C CYS C 23 -5.65 16.11 -5.65
N ARG C 24 -4.78 16.74 -4.88
CA ARG C 24 -4.25 18.06 -5.21
C ARG C 24 -2.75 17.96 -5.39
N GLN C 25 -2.23 18.50 -6.49
CA GLN C 25 -0.79 18.46 -6.67
C GLN C 25 -0.20 19.84 -6.46
N SER C 26 1.08 19.84 -6.09
CA SER C 26 1.72 21.06 -5.58
C SER C 26 2.02 22.09 -6.67
N GLN C 27 1.99 21.70 -7.95
CA GLN C 27 2.23 22.62 -9.05
C GLN C 27 1.56 22.06 -10.29
N SER C 28 1.14 22.96 -11.18
CA SER C 28 0.61 22.54 -12.48
C SER C 28 1.74 22.31 -13.47
N VAL C 29 1.46 21.45 -14.44
CA VAL C 29 2.44 20.92 -15.38
C VAL C 29 2.19 21.39 -16.80
N GLY C 30 1.11 22.14 -17.04
CA GLY C 30 0.70 22.44 -18.40
C GLY C 30 -0.15 21.37 -19.06
N TRP C 31 -0.29 20.20 -18.44
CA TRP C 31 -1.22 19.16 -18.85
C TRP C 31 -1.47 18.29 -17.63
N SER C 32 -2.13 17.15 -17.81
CA SER C 32 -2.61 16.36 -16.67
C SER C 32 -2.09 14.92 -16.71
N PRO C 33 -0.78 14.71 -16.51
CA PRO C 33 -0.28 13.34 -16.34
C PRO C 33 -0.58 12.87 -14.92
N LEU C 34 -1.85 12.55 -14.69
CA LEU C 34 -2.36 12.24 -13.37
C LEU C 34 -3.13 10.94 -13.48
N ALA C 35 -2.73 9.96 -12.68
CA ALA C 35 -3.33 8.64 -12.71
C ALA C 35 -3.93 8.32 -11.35
N TRP C 36 -4.91 7.41 -11.36
CA TRP C 36 -5.53 6.86 -10.17
C TRP C 36 -5.35 5.35 -10.15
N TYR C 37 -4.97 4.81 -9.00
CA TYR C 37 -4.79 3.39 -8.80
C TYR C 37 -5.71 2.89 -7.69
N GLN C 38 -6.22 1.67 -7.86
CA GLN C 38 -6.94 0.97 -6.80
C GLN C 38 -6.05 -0.10 -6.19
N GLN C 39 -6.13 -0.29 -4.87
CA GLN C 39 -5.41 -1.38 -4.21
C GLN C 39 -6.32 -2.08 -3.22
N LYS C 40 -6.64 -3.36 -3.50
CA LYS C 40 -7.38 -4.20 -2.58
C LYS C 40 -6.42 -4.91 -1.63
N PRO C 41 -6.84 -5.23 -0.40
CA PRO C 41 -5.89 -5.78 0.57
C PRO C 41 -5.18 -7.03 0.06
N GLY C 42 -3.86 -7.07 0.27
CA GLY C 42 -3.06 -8.20 -0.15
C GLY C 42 -2.86 -8.34 -1.64
N GLN C 43 -3.16 -7.30 -2.41
CA GLN C 43 -3.15 -7.34 -3.86
C GLN C 43 -2.36 -6.14 -4.36
N ALA C 44 -1.77 -6.26 -5.56
CA ALA C 44 -0.99 -5.15 -6.10
C ALA C 44 -1.90 -4.03 -6.57
N PRO C 45 -1.38 -2.81 -6.70
CA PRO C 45 -2.16 -1.72 -7.30
C PRO C 45 -2.56 -2.03 -8.74
N ARG C 46 -3.65 -1.38 -9.16
CA ARG C 46 -4.25 -1.57 -10.47
C ARG C 46 -4.60 -0.20 -11.04
N LEU C 47 -4.13 0.09 -12.24
CA LEU C 47 -4.41 1.38 -12.87
C LEU C 47 -5.89 1.49 -13.24
N LEU C 48 -6.52 2.58 -12.82
CA LEU C 48 -7.91 2.90 -13.14
C LEU C 48 -8.04 3.97 -14.21
N ILE C 49 -7.40 5.12 -13.99
CA ILE C 49 -7.59 6.30 -14.81
C ILE C 49 -6.20 6.88 -15.09
N TYR C 50 -6.00 7.40 -16.29
CA TYR C 50 -4.80 8.17 -16.57
C TYR C 50 -5.18 9.41 -17.37
N GLY C 51 -4.24 10.34 -17.49
CA GLY C 51 -4.53 11.58 -18.19
C GLY C 51 -5.70 12.32 -17.59
N ALA C 52 -5.86 12.23 -16.26
CA ALA C 52 -6.96 12.78 -15.48
C ALA C 52 -8.32 12.11 -15.74
N PHE C 53 -8.67 11.77 -16.97
CA PHE C 53 -10.04 11.31 -17.25
C PHE C 53 -10.16 10.05 -18.11
N SER C 54 -9.05 9.49 -18.58
CA SER C 54 -9.11 8.37 -19.50
C SER C 54 -9.12 7.05 -18.73
N ARG C 55 -10.03 6.15 -19.09
CA ARG C 55 -10.15 4.86 -18.43
C ARG C 55 -9.12 3.88 -18.96
N ALA C 56 -8.44 3.20 -18.05
CA ALA C 56 -7.52 2.13 -18.41
C ALA C 56 -8.28 0.93 -18.98
N THR C 57 -7.54 0.01 -19.61
CA THR C 57 -8.16 -1.12 -20.28
C THR C 57 -8.93 -1.98 -19.29
N GLY C 58 -10.15 -2.36 -19.68
CA GLY C 58 -10.98 -3.23 -18.86
C GLY C 58 -11.61 -2.58 -17.65
N ILE C 59 -11.41 -1.28 -17.43
CA ILE C 59 -11.94 -0.62 -16.24
C ILE C 59 -13.41 -0.29 -16.48
N PRO C 60 -14.30 -0.61 -15.54
CA PRO C 60 -15.74 -0.36 -15.74
C PRO C 60 -16.09 1.12 -15.80
N ASP C 61 -17.26 1.35 -16.42
CA ASP C 61 -17.80 2.69 -16.68
C ASP C 61 -18.00 3.50 -15.41
N ARG C 62 -18.23 2.85 -14.28
CA ARG C 62 -18.58 3.60 -13.08
C ARG C 62 -17.42 4.41 -12.54
N PHE C 63 -16.19 4.12 -12.97
CA PHE C 63 -15.02 4.92 -12.59
C PHE C 63 -14.84 6.04 -13.60
N SER C 64 -14.76 7.28 -13.12
CA SER C 64 -14.42 8.39 -14.00
C SER C 64 -13.52 9.36 -13.23
N GLY C 65 -12.71 10.10 -13.99
CA GLY C 65 -11.83 11.10 -13.42
C GLY C 65 -12.06 12.43 -14.09
N SER C 66 -11.75 13.50 -13.35
CA SER C 66 -11.88 14.84 -13.89
C SER C 66 -10.82 15.73 -13.25
N GLY C 67 -10.75 16.96 -13.74
CA GLY C 67 -9.87 17.95 -13.16
C GLY C 67 -8.80 18.42 -14.13
N SER C 68 -8.03 19.40 -13.66
CA SER C 68 -6.98 20.02 -14.46
C SER C 68 -6.15 20.88 -13.51
N GLY C 69 -5.00 21.34 -13.99
CA GLY C 69 -4.13 22.16 -13.17
C GLY C 69 -3.56 21.43 -11.98
N THR C 70 -4.07 21.74 -10.79
CA THR C 70 -3.62 21.11 -9.55
C THR C 70 -4.70 20.30 -8.86
N ASP C 71 -5.89 20.22 -9.44
CA ASP C 71 -7.11 19.80 -8.74
C ASP C 71 -7.76 18.66 -9.50
N PHE C 72 -7.73 17.45 -8.94
CA PHE C 72 -8.22 16.29 -9.65
C PHE C 72 -9.16 15.49 -8.77
N THR C 73 -10.07 14.76 -9.40
CA THR C 73 -11.12 14.05 -8.70
C THR C 73 -11.35 12.70 -9.36
N LEU C 74 -11.49 11.66 -8.55
CA LEU C 74 -11.93 10.34 -8.97
C LEU C 74 -13.34 10.15 -8.46
N THR C 75 -14.24 9.73 -9.35
CA THR C 75 -15.63 9.49 -9.00
C THR C 75 -15.97 8.04 -9.30
N ILE C 76 -16.55 7.35 -8.33
CA ILE C 76 -17.19 6.05 -8.55
C ILE C 76 -18.68 6.32 -8.44
N SER C 77 -19.39 6.18 -9.58
CA SER C 77 -20.76 6.70 -9.65
C SER C 77 -21.69 5.98 -8.70
N ARG C 78 -21.60 4.64 -8.67
CA ARG C 78 -22.43 3.77 -7.83
C ARG C 78 -21.52 2.64 -7.35
N LEU C 79 -21.13 2.69 -6.08
CA LEU C 79 -20.16 1.74 -5.54
C LEU C 79 -20.68 0.32 -5.58
N GLU C 80 -19.81 -0.61 -6.02
CA GLU C 80 -20.01 -2.04 -5.86
C GLU C 80 -19.17 -2.57 -4.70
N PRO C 81 -19.53 -3.74 -4.16
CA PRO C 81 -18.80 -4.22 -2.96
C PRO C 81 -17.31 -4.38 -3.17
N GLU C 82 -16.89 -4.71 -4.40
CA GLU C 82 -15.47 -4.90 -4.69
C GLU C 82 -14.71 -3.58 -4.75
N ASP C 83 -15.41 -2.44 -4.72
CA ASP C 83 -14.77 -1.13 -4.78
C ASP C 83 -14.27 -0.63 -3.45
N PHE C 84 -14.57 -1.31 -2.34
CA PHE C 84 -14.06 -0.91 -1.04
C PHE C 84 -12.61 -1.36 -0.97
N ALA C 85 -11.70 -0.38 -1.05
CA ALA C 85 -10.27 -0.57 -1.23
C ALA C 85 -9.61 0.78 -0.98
N VAL C 86 -8.30 0.84 -1.20
CA VAL C 86 -7.55 2.08 -1.06
C VAL C 86 -7.26 2.60 -2.45
N TYR C 87 -7.33 3.92 -2.63
CA TYR C 87 -7.15 4.56 -3.92
C TYR C 87 -6.02 5.60 -3.81
N TYR C 88 -5.09 5.54 -4.76
CA TYR C 88 -3.93 6.43 -4.81
C TYR C 88 -3.95 7.25 -6.09
N CYS C 89 -3.60 8.52 -6.00
CA CYS C 89 -3.30 9.28 -7.20
C CYS C 89 -1.79 9.33 -7.38
N GLN C 90 -1.37 9.71 -8.58
CA GLN C 90 0.04 9.72 -8.94
C GLN C 90 0.23 10.71 -10.07
N GLN C 91 1.34 11.44 -10.05
CA GLN C 91 1.78 12.18 -11.22
C GLN C 91 2.91 11.41 -11.89
N TYR C 92 2.86 11.36 -13.22
CA TYR C 92 3.85 10.62 -13.98
C TYR C 92 4.48 11.47 -15.06
N GLY C 93 4.41 12.81 -14.91
CA GLY C 93 4.97 13.71 -15.89
C GLY C 93 6.45 13.94 -15.75
N GLN C 94 7.04 13.65 -14.59
CA GLN C 94 8.45 13.92 -14.35
C GLN C 94 8.96 13.09 -13.18
N SER C 95 10.27 12.79 -13.20
CA SER C 95 10.88 12.12 -12.06
C SER C 95 11.21 13.15 -10.97
N PRO C 96 11.14 12.74 -9.70
CA PRO C 96 10.67 11.44 -9.20
C PRO C 96 9.16 11.26 -9.41
N TRP C 97 8.74 10.07 -9.88
CA TRP C 97 7.33 9.73 -9.91
C TRP C 97 6.79 9.69 -8.48
N THR C 98 5.66 10.36 -8.25
CA THR C 98 5.17 10.55 -6.89
C THR C 98 3.69 10.21 -6.77
N PHE C 99 3.32 9.74 -5.58
CA PHE C 99 1.98 9.29 -5.25
C PHE C 99 1.40 10.14 -4.13
N GLY C 100 0.06 10.26 -4.13
CA GLY C 100 -0.64 10.70 -2.95
C GLY C 100 -0.58 9.65 -1.86
N GLN C 101 -1.00 10.03 -0.66
CA GLN C 101 -0.88 9.13 0.50
C GLN C 101 -2.03 8.14 0.59
N GLY C 102 -3.02 8.22 -0.27
CA GLY C 102 -4.08 7.22 -0.38
C GLY C 102 -5.34 7.63 0.34
N THR C 103 -6.48 7.15 -0.18
CA THR C 103 -7.78 7.33 0.44
C THR C 103 -8.43 5.97 0.60
N LYS C 104 -8.86 5.66 1.83
CA LYS C 104 -9.55 4.41 2.08
C LYS C 104 -11.05 4.62 1.86
N VAL C 105 -11.65 3.77 1.04
CA VAL C 105 -13.10 3.73 0.88
C VAL C 105 -13.57 2.50 1.63
N GLU C 106 -14.27 2.72 2.75
CA GLU C 106 -14.68 1.67 3.68
C GLU C 106 -16.20 1.57 3.70
N ILE C 107 -16.71 0.45 4.21
CA ILE C 107 -18.15 0.25 4.34
C ILE C 107 -18.65 1.06 5.53
N LYS C 108 -19.66 1.91 5.30
CA LYS C 108 -20.30 2.58 6.42
C LYS C 108 -21.33 1.67 7.08
N ARG C 109 -21.43 1.76 8.39
CA ARG C 109 -22.48 1.11 9.17
C ARG C 109 -22.83 2.03 10.32
N THR C 110 -23.82 1.63 11.12
CA THR C 110 -24.20 2.47 12.25
C THR C 110 -23.11 2.44 13.30
N VAL C 111 -23.06 3.52 14.10
CA VAL C 111 -22.11 3.60 15.20
C VAL C 111 -22.32 2.43 16.15
N ALA C 112 -21.22 1.85 16.62
CA ALA C 112 -21.25 0.76 17.59
C ALA C 112 -20.13 0.96 18.59
N ALA C 113 -20.50 1.09 19.86
CA ALA C 113 -19.48 1.25 20.88
C ALA C 113 -18.69 -0.05 21.03
N PRO C 114 -17.41 0.02 21.36
CA PRO C 114 -16.67 -1.20 21.63
C PRO C 114 -17.08 -1.82 22.95
N SER C 115 -17.07 -3.15 23.00
CA SER C 115 -17.00 -3.86 24.26
C SER C 115 -15.53 -3.90 24.68
N VAL C 116 -15.24 -3.50 25.90
CA VAL C 116 -13.86 -3.37 26.37
C VAL C 116 -13.58 -4.43 27.42
N PHE C 117 -12.43 -5.07 27.29
CA PHE C 117 -11.98 -6.09 28.25
C PHE C 117 -10.52 -5.80 28.56
N ILE C 118 -10.12 -5.99 29.81
CA ILE C 118 -8.73 -5.86 30.21
C ILE C 118 -8.23 -7.20 30.73
N PHE C 119 -6.99 -7.54 30.38
CA PHE C 119 -6.41 -8.83 30.69
C PHE C 119 -5.14 -8.63 31.50
N PRO C 120 -5.02 -9.22 32.68
CA PRO C 120 -3.78 -9.09 33.44
C PRO C 120 -2.73 -10.01 32.85
N PRO C 121 -1.45 -9.73 33.09
CA PRO C 121 -0.40 -10.67 32.68
C PRO C 121 -0.60 -12.02 33.34
N SER C 122 -0.27 -13.08 32.62
CA SER C 122 -0.32 -14.41 33.20
C SER C 122 0.80 -14.59 34.20
N ASP C 123 0.58 -15.48 35.17
CA ASP C 123 1.66 -15.81 36.10
C ASP C 123 2.82 -16.47 35.36
N GLU C 124 2.50 -17.34 34.41
CA GLU C 124 3.52 -17.94 33.55
C GLU C 124 4.45 -16.88 32.97
N GLN C 125 3.87 -15.82 32.40
CA GLN C 125 4.70 -14.80 31.79
C GLN C 125 5.59 -14.10 32.82
N LEU C 126 5.06 -13.85 34.01
CA LEU C 126 5.83 -13.10 35.01
C LEU C 126 7.13 -13.80 35.38
N LYS C 127 7.17 -15.14 35.29
CA LYS C 127 8.42 -15.86 35.53
C LYS C 127 9.52 -15.41 34.58
N SER C 128 9.17 -14.95 33.39
CA SER C 128 10.16 -14.47 32.42
C SER C 128 10.65 -13.06 32.71
N GLY C 129 10.08 -12.37 33.70
CA GLY C 129 10.51 -11.04 34.06
C GLY C 129 9.78 -9.90 33.36
N THR C 130 8.71 -10.21 32.62
CA THR C 130 7.99 -9.23 31.82
C THR C 130 6.50 -9.42 32.04
N ALA C 131 5.77 -8.31 32.07
CA ALA C 131 4.31 -8.31 32.22
C ALA C 131 3.70 -7.64 31.00
N SER C 132 2.90 -8.39 30.26
CA SER C 132 2.11 -7.82 29.17
C SER C 132 0.69 -7.66 29.66
N VAL C 133 0.17 -6.42 29.61
CA VAL C 133 -1.21 -6.12 29.95
C VAL C 133 -1.94 -5.75 28.66
N VAL C 134 -3.07 -6.41 28.41
CA VAL C 134 -3.76 -6.33 27.12
C VAL C 134 -5.14 -5.72 27.34
N CYS C 135 -5.49 -4.76 26.49
CA CYS C 135 -6.84 -4.19 26.49
C CYS C 135 -7.47 -4.42 25.13
N LEU C 136 -8.67 -5.00 25.13
CA LEU C 136 -9.36 -5.39 23.90
C LEU C 136 -10.57 -4.49 23.69
N LEU C 137 -10.66 -3.84 22.53
CA LEU C 137 -11.85 -3.11 22.12
C LEU C 137 -12.49 -3.92 21.00
N ASN C 138 -13.67 -4.47 21.25
CA ASN C 138 -14.25 -5.48 20.38
C ASN C 138 -15.45 -4.91 19.62
N ASN C 139 -15.42 -5.10 18.29
CA ASN C 139 -16.57 -4.87 17.40
C ASN C 139 -17.13 -3.45 17.52
N PHE C 140 -16.30 -2.48 17.15
CA PHE C 140 -16.74 -1.09 17.20
C PHE C 140 -16.71 -0.46 15.81
N TYR C 141 -17.41 0.67 15.69
CA TYR C 141 -17.42 1.43 14.45
C TYR C 141 -17.85 2.84 14.82
N PRO C 142 -17.21 3.89 14.29
CA PRO C 142 -16.12 3.89 13.30
C PRO C 142 -14.76 3.56 13.87
N ARG C 143 -13.72 3.59 13.02
CA ARG C 143 -12.43 3.04 13.40
C ARG C 143 -11.69 3.90 14.44
N GLU C 144 -11.91 5.22 14.45
CA GLU C 144 -11.15 6.07 15.36
C GLU C 144 -11.48 5.71 16.80
N ALA C 145 -10.44 5.48 17.59
CA ALA C 145 -10.60 5.24 19.01
C ALA C 145 -9.33 5.69 19.72
N LYS C 146 -9.50 6.09 20.97
CA LYS C 146 -8.39 6.51 21.83
C LYS C 146 -8.31 5.54 22.99
N VAL C 147 -7.13 4.95 23.17
CA VAL C 147 -6.86 4.04 24.28
C VAL C 147 -5.75 4.67 25.11
N GLN C 148 -6.03 4.88 26.39
CA GLN C 148 -5.06 5.46 27.33
C GLN C 148 -4.87 4.47 28.47
N TRP C 149 -3.61 4.18 28.78
CA TRP C 149 -3.28 3.32 29.90
C TRP C 149 -3.01 4.15 31.14
N LYS C 150 -3.48 3.66 32.29
CA LYS C 150 -3.13 4.27 33.58
C LYS C 150 -2.73 3.18 34.55
N VAL C 151 -1.75 3.50 35.39
CA VAL C 151 -1.23 2.57 36.38
C VAL C 151 -1.13 3.32 37.70
N ASP C 152 -1.91 2.91 38.70
CA ASP C 152 -2.13 3.71 39.91
C ASP C 152 -2.44 5.15 39.55
N ASN C 153 -3.31 5.31 38.54
CA ASN C 153 -3.74 6.59 37.97
C ASN C 153 -2.60 7.33 37.29
N ALA C 154 -1.42 6.71 37.19
CA ALA C 154 -0.30 7.30 36.45
C ALA C 154 -0.49 7.01 34.97
N LEU C 155 -0.76 8.06 34.20
CA LEU C 155 -1.02 7.94 32.78
C LEU C 155 0.24 7.54 32.02
N GLN C 156 0.16 6.44 31.26
CA GLN C 156 1.34 5.84 30.66
C GLN C 156 1.60 6.41 29.27
N SER C 157 2.88 6.41 28.88
CA SER C 157 3.25 6.90 27.56
C SER C 157 4.49 6.16 27.05
N GLY C 158 4.43 5.70 25.80
CA GLY C 158 5.60 5.17 25.15
C GLY C 158 5.83 3.68 25.32
N ASN C 159 5.07 3.01 26.19
CA ASN C 159 5.25 1.59 26.48
C ASN C 159 4.05 0.74 26.07
N SER C 160 3.34 1.15 25.02
CA SER C 160 2.23 0.36 24.52
C SER C 160 2.28 0.31 22.99
N GLN C 161 1.67 -0.74 22.44
CA GLN C 161 1.52 -0.88 20.99
C GLN C 161 0.10 -1.38 20.71
N GLU C 162 -0.44 -0.92 19.57
CA GLU C 162 -1.79 -1.25 19.15
C GLU C 162 -1.77 -2.06 17.87
N SER C 163 -2.79 -2.88 17.70
CA SER C 163 -3.02 -3.62 16.47
C SER C 163 -4.52 -3.57 16.19
N VAL C 164 -4.90 -3.46 14.93
CA VAL C 164 -6.31 -3.31 14.55
C VAL C 164 -6.65 -4.30 13.45
N THR C 165 -7.83 -4.92 13.54
CA THR C 165 -8.23 -5.83 12.48
C THR C 165 -8.68 -5.03 11.25
N GLU C 166 -8.78 -5.72 10.12
CA GLU C 166 -9.48 -5.12 9.01
C GLU C 166 -10.98 -5.22 9.23
N GLN C 167 -11.73 -4.40 8.49
CA GLN C 167 -13.18 -4.32 8.69
C GLN C 167 -13.81 -5.69 8.55
N ASP C 168 -14.62 -6.07 9.53
CA ASP C 168 -15.22 -7.40 9.55
C ASP C 168 -16.14 -7.59 8.34
N SER C 169 -16.02 -8.74 7.67
CA SER C 169 -16.80 -8.95 6.46
C SER C 169 -18.26 -9.28 6.73
N LYS C 170 -18.61 -9.63 7.97
CA LYS C 170 -20.00 -9.86 8.32
C LYS C 170 -20.67 -8.61 8.88
N ASP C 171 -20.08 -7.96 9.87
CA ASP C 171 -20.75 -6.86 10.56
C ASP C 171 -20.08 -5.51 10.37
N SER C 172 -19.00 -5.43 9.58
CA SER C 172 -18.37 -4.17 9.20
C SER C 172 -17.76 -3.41 10.38
N THR C 173 -17.51 -4.08 11.51
CA THR C 173 -16.86 -3.43 12.64
C THR C 173 -15.35 -3.66 12.62
N TYR C 174 -14.68 -2.96 13.54
CA TYR C 174 -13.25 -3.09 13.81
C TYR C 174 -13.06 -3.61 15.22
N SER C 175 -11.93 -4.27 15.44
CA SER C 175 -11.49 -4.56 16.78
C SER C 175 -10.03 -4.15 16.91
N LEU C 176 -9.64 -3.87 18.14
CA LEU C 176 -8.33 -3.30 18.42
C LEU C 176 -7.82 -3.89 19.73
N SER C 177 -6.52 -4.19 19.76
CA SER C 177 -5.84 -4.58 20.98
C SER C 177 -4.77 -3.55 21.28
N SER C 178 -4.64 -3.20 22.54
CA SER C 178 -3.53 -2.38 23.02
C SER C 178 -2.80 -3.19 24.06
N THR C 179 -1.48 -3.31 23.91
CA THR C 179 -0.67 -4.09 24.84
C THR C 179 0.31 -3.17 25.55
N LEU C 180 0.23 -3.15 26.87
CA LEU C 180 1.14 -2.40 27.72
C LEU C 180 2.21 -3.35 28.23
N THR C 181 3.47 -3.01 27.99
CA THR C 181 4.57 -3.90 28.36
C THR C 181 5.38 -3.25 29.46
N LEU C 182 5.52 -3.96 30.59
CA LEU C 182 6.25 -3.49 31.75
C LEU C 182 7.15 -4.62 32.23
N SER C 183 8.24 -4.25 32.89
CA SER C 183 9.04 -5.27 33.54
C SER C 183 8.27 -5.85 34.72
N LYS C 184 8.63 -7.08 35.10
CA LYS C 184 8.00 -7.68 36.28
C LYS C 184 8.16 -6.77 37.49
N ALA C 185 9.34 -6.16 37.64
CA ALA C 185 9.60 -5.33 38.81
C ALA C 185 8.72 -4.09 38.81
N ASP C 186 8.51 -3.48 37.64
CA ASP C 186 7.64 -2.31 37.56
C ASP C 186 6.18 -2.70 37.79
N TYR C 187 5.75 -3.82 37.20
CA TYR C 187 4.38 -4.29 37.37
C TYR C 187 4.06 -4.48 38.85
N GLU C 188 5.00 -5.07 39.60
CA GLU C 188 4.72 -5.38 40.99
C GLU C 188 4.88 -4.17 41.92
N LYS C 189 5.36 -3.04 41.41
CA LYS C 189 5.35 -1.82 42.21
C LYS C 189 3.96 -1.21 42.33
N HIS C 190 3.00 -1.59 41.48
CA HIS C 190 1.72 -0.92 41.41
C HIS C 190 0.58 -1.92 41.55
N LYS C 191 -0.62 -1.40 41.83
CA LYS C 191 -1.79 -2.22 42.14
C LYS C 191 -2.89 -2.14 41.09
N VAL C 192 -3.34 -0.94 40.71
CA VAL C 192 -4.52 -0.81 39.86
C VAL C 192 -4.09 -0.43 38.45
N TYR C 193 -4.54 -1.23 37.48
CA TYR C 193 -4.17 -1.09 36.08
C TYR C 193 -5.45 -0.82 35.29
N ALA C 194 -5.45 0.26 34.55
CA ALA C 194 -6.66 0.76 33.91
C ALA C 194 -6.45 0.98 32.43
N CYS C 195 -7.43 0.55 31.65
CA CYS C 195 -7.54 0.88 30.23
C CYS C 195 -8.73 1.82 30.04
N GLU C 196 -8.48 3.04 29.56
CA GLU C 196 -9.52 4.05 29.36
C GLU C 196 -9.74 4.29 27.86
N VAL C 197 -10.99 4.14 27.42
CA VAL C 197 -11.33 4.14 26.00
C VAL C 197 -12.32 5.26 25.70
N THR C 198 -12.00 6.10 24.71
CA THR C 198 -12.94 7.09 24.18
C THR C 198 -13.29 6.73 22.74
N HIS C 199 -14.59 6.73 22.45
CA HIS C 199 -15.09 6.30 21.14
C HIS C 199 -16.41 7.03 20.85
N GLN C 200 -16.70 7.15 19.55
CA GLN C 200 -17.93 7.79 19.09
C GLN C 200 -19.17 7.21 19.77
N GLY C 201 -19.21 5.89 19.94
CA GLY C 201 -20.37 5.26 20.52
C GLY C 201 -20.50 5.37 22.03
N LEU C 202 -19.55 5.99 22.68
CA LEU C 202 -19.53 6.07 24.14
C LEU C 202 -19.92 7.47 24.57
N SER C 203 -21.04 7.57 25.30
CA SER C 203 -21.41 8.80 25.97
C SER C 203 -20.26 9.27 26.86
N SER C 204 -19.94 8.46 27.86
CA SER C 204 -18.81 8.66 28.75
C SER C 204 -17.70 7.67 28.41
N PRO C 205 -16.45 8.11 28.29
CA PRO C 205 -15.34 7.16 28.15
C PRO C 205 -15.40 6.07 29.21
N VAL C 206 -15.26 4.82 28.77
CA VAL C 206 -15.30 3.69 29.69
C VAL C 206 -13.89 3.35 30.12
N THR C 207 -13.74 2.98 31.39
CA THR C 207 -12.47 2.52 31.95
C THR C 207 -12.67 1.08 32.43
N LYS C 208 -11.80 0.18 31.98
CA LYS C 208 -11.75 -1.17 32.51
C LYS C 208 -10.45 -1.33 33.30
N SER C 209 -10.54 -1.99 34.45
CA SER C 209 -9.37 -2.03 35.30
C SER C 209 -9.38 -3.29 36.15
N PHE C 210 -8.21 -3.61 36.70
CA PHE C 210 -8.07 -4.67 37.69
C PHE C 210 -7.03 -4.23 38.71
N ASN C 211 -7.14 -4.81 39.91
CA ASN C 211 -6.11 -4.68 40.94
C ASN C 211 -5.22 -5.90 40.90
N ARG C 212 -3.91 -5.68 40.82
CA ARG C 212 -2.97 -6.79 40.80
C ARG C 212 -3.17 -7.66 42.03
N GLY C 213 -3.31 -8.97 41.81
CA GLY C 213 -3.42 -9.92 42.88
C GLY C 213 -4.83 -10.27 43.31
N GLU C 214 -5.84 -9.94 42.51
CA GLU C 214 -7.22 -10.24 42.83
C GLU C 214 -7.84 -11.10 41.75
N CYS C 215 -8.77 -11.96 42.15
CA CYS C 215 -9.40 -12.92 41.24
C CYS C 215 -10.48 -13.75 41.95
#